data_5JK3
#
_entry.id   5JK3
#
_cell.length_a   58.272
_cell.length_b   133.585
_cell.length_c   144.202
_cell.angle_alpha   90.00
_cell.angle_beta   90.00
_cell.angle_gamma   90.00
#
_symmetry.space_group_name_H-M   'I 2 2 2'
#
loop_
_entity.id
_entity.type
_entity.pdbx_description
1 polymer 'Mitogen-activated protein kinase kinase kinase 7,TGF-beta-activated kinase 1 and MAP3K7-binding protein 1'
2 non-polymer ~{N}-[2-[5-chloranyl-2-[(1-methylpyrazol-4-yl)amino]pyrimidin-4-yl]oxyphenyl]prop-2-enamide
#
_entity_poly.entity_id   1
_entity_poly.type   'polypeptide(L)'
_entity_poly.pdbx_seq_one_letter_code
;SLHMIDYKEIEVEEVVGRGAFGVVCKAKWRAKDVAIKQIESESERKAFIVELRQLSRVNHPNIVKLYGACLNPVCLVMEY
AEGGSLYNVLHGAEPLPYYTAAHAMSWCLQCSQGVAYLHSMQPKALIHRDLKPPNLLLVAGGTVLKICDFGTACDIQTHM
TNNKGSAAWMAPEVFEGSNYSEKCDVFSWGIILWEVITRRKPFDEIGGPAFRIMWAVHNGTRPPLIKNLPKPIESLMTRC
WSKDPSQRPSMEEIVKIMTHLMRYFPGADEPLQYPCQHSLPPGEDGRVEPYVDFAEFYRLWSVDHGEQSVVTAP
;
_entity_poly.pdbx_strand_id   A
#
loop_
_chem_comp.id
_chem_comp.type
_chem_comp.name
_chem_comp.formula
6L4 non-polymer ~{N}-[2-[5-chloranyl-2-[(1-methylpyrazol-4-yl)amino]pyrimidin-4-yl]oxyphenyl]prop-2-enamide 'C17 H15 Cl N6 O2'
#
# COMPACT_ATOMS: atom_id res chain seq x y z
N SER A 1 1.86 -18.42 19.51
CA SER A 1 2.19 -17.87 20.82
C SER A 1 1.75 -16.41 20.91
N LEU A 2 1.78 -15.86 22.12
CA LEU A 2 1.32 -14.49 22.35
C LEU A 2 1.99 -13.97 23.61
N HIS A 3 2.71 -12.87 23.50
CA HIS A 3 3.41 -12.29 24.64
C HIS A 3 2.45 -11.47 25.50
N MET A 4 2.75 -11.43 26.80
CA MET A 4 1.91 -10.73 27.77
C MET A 4 2.66 -9.54 28.36
N ILE A 5 1.95 -8.43 28.55
CA ILE A 5 2.51 -7.24 29.16
C ILE A 5 1.51 -6.68 30.15
N ILE A 10 3.45 -0.18 31.27
CA ILE A 10 3.54 0.69 30.11
C ILE A 10 3.24 2.12 30.51
N GLU A 11 3.84 3.08 29.80
CA GLU A 11 3.59 4.50 30.02
C GLU A 11 2.75 5.01 28.85
N VAL A 12 1.52 5.42 29.15
CA VAL A 12 0.61 5.92 28.12
C VAL A 12 1.01 7.36 27.77
N GLU A 13 1.27 7.61 26.49
CA GLU A 13 1.68 8.91 26.01
C GLU A 13 0.54 9.55 25.23
N GLU A 14 0.82 10.69 24.59
CA GLU A 14 -0.20 11.44 23.88
C GLU A 14 -0.89 10.57 22.84
N VAL A 15 -2.13 10.93 22.52
CA VAL A 15 -2.93 10.21 21.53
C VAL A 15 -2.45 10.61 20.13
N VAL A 16 -2.55 9.68 19.19
CA VAL A 16 -2.07 9.88 17.83
C VAL A 16 -3.20 9.95 16.82
N GLY A 17 -4.17 9.06 16.93
CA GLY A 17 -5.24 9.04 15.94
C GLY A 17 -6.40 8.20 16.40
N ARG A 18 -7.35 8.03 15.49
CA ARG A 18 -8.59 7.30 15.78
C ARG A 18 -8.78 6.15 14.80
N VAL A 24 -6.49 4.60 19.96
CA VAL A 24 -5.11 4.36 19.58
C VAL A 24 -4.25 5.53 20.03
N CYS A 25 -3.26 5.24 20.87
CA CYS A 25 -2.38 6.26 21.43
C CYS A 25 -0.93 5.83 21.23
N LYS A 26 -0.01 6.67 21.71
CA LYS A 26 1.41 6.35 21.70
C LYS A 26 1.85 5.87 23.07
N ALA A 35 1.06 2.38 19.50
CA ALA A 35 1.60 1.09 19.89
C ALA A 35 0.59 0.29 20.71
N ILE A 36 -0.50 0.94 21.11
CA ILE A 36 -1.41 0.40 22.12
C ILE A 36 -2.74 -0.06 21.50
N LYS A 37 -3.51 0.88 20.94
CA LYS A 37 -4.88 0.60 20.54
C LYS A 37 -5.72 0.43 21.81
N GLN A 38 -7.02 0.20 21.67
CA GLN A 38 -7.87 0.00 22.84
C GLN A 38 -9.11 -0.76 22.38
N ILE A 39 -9.99 -1.06 23.34
CA ILE A 39 -11.27 -1.70 23.05
C ILE A 39 -11.97 -0.95 21.93
N SER A 41 -17.10 1.27 24.48
CA SER A 41 -16.66 0.60 23.26
C SER A 41 -16.58 -0.90 23.46
N GLU A 42 -17.08 -1.40 24.59
CA GLU A 42 -17.10 -2.83 24.86
C GLU A 42 -17.85 -3.62 23.79
N SER A 43 -18.48 -2.95 22.82
CA SER A 43 -19.13 -3.65 21.73
C SER A 43 -18.12 -4.28 20.78
N GLU A 44 -16.94 -3.68 20.65
CA GLU A 44 -15.89 -4.20 19.78
C GLU A 44 -15.12 -5.36 20.42
N ARG A 45 -15.53 -5.81 21.62
CA ARG A 45 -14.83 -6.90 22.27
C ARG A 45 -14.88 -8.19 21.45
N LYS A 46 -15.91 -8.34 20.62
CA LYS A 46 -15.99 -9.52 19.76
C LYS A 46 -15.13 -9.35 18.51
N ALA A 47 -15.26 -8.22 17.83
CA ALA A 47 -14.36 -7.91 16.72
C ALA A 47 -12.91 -7.92 17.16
N PHE A 48 -12.66 -7.71 18.46
CA PHE A 48 -11.30 -7.76 18.99
C PHE A 48 -10.76 -9.19 18.99
N ILE A 49 -11.59 -10.16 19.39
CA ILE A 49 -11.13 -11.54 19.51
C ILE A 49 -10.81 -12.11 18.13
N VAL A 50 -11.63 -11.78 17.12
CA VAL A 50 -11.37 -12.28 15.77
C VAL A 50 -10.06 -11.72 15.24
N GLU A 51 -9.72 -10.49 15.61
CA GLU A 51 -8.52 -9.85 15.09
C GLU A 51 -7.26 -10.34 15.79
N LEU A 52 -7.34 -10.58 17.10
CA LEU A 52 -6.15 -10.96 17.84
C LEU A 52 -5.72 -12.39 17.52
N ARG A 53 -6.68 -13.30 17.32
CA ARG A 53 -6.33 -14.69 17.04
C ARG A 53 -5.50 -14.81 15.78
N GLN A 54 -5.82 -14.01 14.76
CA GLN A 54 -5.07 -14.07 13.51
C GLN A 54 -3.75 -13.33 13.59
N LEU A 55 -3.67 -12.28 14.43
CA LEU A 55 -2.44 -11.50 14.54
C LEU A 55 -1.34 -12.31 15.24
N SER A 56 -1.72 -13.17 16.19
CA SER A 56 -0.72 -13.97 16.89
C SER A 56 -0.09 -15.00 15.96
N ARG A 57 -0.84 -15.51 14.98
CA ARG A 57 -0.33 -16.49 14.05
C ARG A 57 0.59 -15.88 13.01
N VAL A 58 0.44 -14.58 12.72
CA VAL A 58 1.21 -13.91 11.69
C VAL A 58 2.52 -13.42 12.28
N ASN A 59 3.60 -13.58 11.51
CA ASN A 59 4.91 -13.07 11.90
C ASN A 59 5.71 -12.86 10.62
N HIS A 60 6.01 -11.61 10.29
CA HIS A 60 6.69 -11.30 9.05
C HIS A 60 7.33 -9.92 9.17
N PRO A 61 8.51 -9.69 8.55
CA PRO A 61 9.13 -8.38 8.67
C PRO A 61 8.26 -7.23 8.19
N ASN A 62 7.54 -7.41 7.07
CA ASN A 62 6.72 -6.36 6.49
C ASN A 62 5.30 -6.35 7.05
N ILE A 63 5.11 -6.84 8.28
CA ILE A 63 3.84 -6.75 8.98
C ILE A 63 4.10 -6.23 10.38
N VAL A 64 3.14 -5.46 10.92
CA VAL A 64 3.35 -4.81 12.20
C VAL A 64 3.62 -5.85 13.29
N LYS A 65 4.58 -5.54 14.16
CA LYS A 65 5.03 -6.45 15.19
C LYS A 65 4.21 -6.25 16.46
N LEU A 66 3.51 -7.30 16.88
CA LEU A 66 2.76 -7.28 18.13
C LEU A 66 3.67 -7.76 19.26
N TYR A 67 3.77 -6.95 20.32
CA TYR A 67 4.56 -7.32 21.48
C TYR A 67 3.73 -8.16 22.44
N ASN A 72 -5.16 -6.56 31.06
CA ASN A 72 -6.39 -6.05 31.65
C ASN A 72 -6.34 -4.52 31.75
N PRO A 73 -7.28 -3.81 31.09
CA PRO A 73 -8.35 -4.33 30.24
C PRO A 73 -7.82 -4.91 28.93
N VAL A 74 -8.72 -5.36 28.05
CA VAL A 74 -8.29 -5.95 26.80
C VAL A 74 -7.69 -4.87 25.92
N CYS A 75 -6.53 -5.17 25.33
CA CYS A 75 -5.74 -4.17 24.62
C CYS A 75 -4.52 -4.84 24.02
N LEU A 76 -3.92 -4.19 23.02
CA LEU A 76 -2.75 -4.69 22.32
C LEU A 76 -1.53 -3.82 22.60
N VAL A 77 -0.38 -4.31 22.17
CA VAL A 77 0.86 -3.53 22.21
C VAL A 77 1.64 -3.76 20.92
N MET A 78 1.41 -2.93 19.91
CA MET A 78 2.16 -2.99 18.67
C MET A 78 3.44 -2.17 18.78
N GLU A 79 4.25 -2.21 17.72
CA GLU A 79 5.43 -1.35 17.65
C GLU A 79 5.04 0.01 17.10
N TYR A 80 5.56 1.06 17.74
CA TYR A 80 5.21 2.43 17.35
C TYR A 80 6.05 2.84 16.15
N ALA A 81 5.42 2.89 14.97
CA ALA A 81 6.07 3.37 13.76
C ALA A 81 6.06 4.89 13.77
N GLU A 82 7.24 5.49 14.00
CA GLU A 82 7.31 6.94 14.12
C GLU A 82 6.98 7.64 12.82
N GLY A 83 7.25 7.00 11.68
CA GLY A 83 7.00 7.63 10.40
C GLY A 83 5.52 7.84 10.09
N GLY A 84 4.66 7.00 10.67
CA GLY A 84 3.24 7.11 10.38
C GLY A 84 2.87 6.35 9.13
N SER A 85 1.70 6.68 8.60
CA SER A 85 1.16 5.97 7.45
C SER A 85 1.85 6.44 6.16
N LEU A 86 1.86 5.55 5.17
CA LEU A 86 2.31 5.93 3.84
C LEU A 86 1.45 7.05 3.28
N TYR A 87 0.14 7.01 3.56
CA TYR A 87 -0.74 8.08 3.12
C TYR A 87 -0.31 9.43 3.69
N ASN A 88 0.12 9.47 4.94
CA ASN A 88 0.55 10.73 5.52
C ASN A 88 1.85 11.22 4.87
N VAL A 89 2.72 10.30 4.50
CA VAL A 89 3.96 10.67 3.84
C VAL A 89 3.70 11.20 2.43
N LEU A 90 2.78 10.56 1.71
CA LEU A 90 2.54 10.95 0.32
C LEU A 90 1.73 12.23 0.22
N HIS A 91 0.66 12.34 1.01
CA HIS A 91 -0.32 13.41 0.85
C HIS A 91 -0.59 14.19 2.12
N GLY A 92 0.11 13.91 3.22
CA GLY A 92 -0.22 14.51 4.49
C GLY A 92 0.16 15.97 4.66
N ALA A 93 0.32 16.38 5.91
CA ALA A 93 0.60 17.78 6.22
C ALA A 93 2.01 18.14 5.81
N GLU A 94 2.17 19.34 5.26
CA GLU A 94 3.47 19.85 4.89
C GLU A 94 4.27 20.17 6.16
N PRO A 95 5.61 20.11 6.09
CA PRO A 95 6.41 19.80 4.89
C PRO A 95 6.47 18.31 4.58
N LEU A 96 6.27 17.96 3.32
CA LEU A 96 6.35 16.57 2.91
C LEU A 96 7.79 16.21 2.54
N PRO A 97 8.21 14.97 2.80
CA PRO A 97 9.57 14.57 2.45
C PRO A 97 9.70 14.23 0.97
N TYR A 98 10.94 14.33 0.49
CA TYR A 98 11.28 13.94 -0.86
C TYR A 98 11.49 12.43 -0.92
N TYR A 99 11.15 11.83 -2.06
CA TYR A 99 11.44 10.42 -2.27
C TYR A 99 11.61 10.16 -3.76
N THR A 100 12.25 9.02 -4.06
CA THR A 100 12.68 8.68 -5.40
C THR A 100 11.88 7.51 -5.95
N ALA A 101 12.16 7.18 -7.21
CA ALA A 101 11.56 6.00 -7.81
C ALA A 101 11.97 4.73 -7.06
N ALA A 102 13.18 4.70 -6.52
CA ALA A 102 13.62 3.55 -5.73
C ALA A 102 12.70 3.34 -4.53
N HIS A 103 12.46 4.40 -3.76
CA HIS A 103 11.57 4.29 -2.61
C HIS A 103 10.19 3.80 -3.03
N ALA A 104 9.62 4.42 -4.07
CA ALA A 104 8.27 4.04 -4.51
C ALA A 104 8.22 2.57 -4.87
N MET A 105 9.20 2.08 -5.63
CA MET A 105 9.22 0.67 -6.00
C MET A 105 9.50 -0.22 -4.79
N SER A 106 10.41 0.22 -3.91
CA SER A 106 10.70 -0.55 -2.71
C SER A 106 9.46 -0.68 -1.84
N TRP A 107 8.72 0.42 -1.65
CA TRP A 107 7.51 0.39 -0.86
C TRP A 107 6.53 -0.66 -1.41
N CYS A 108 6.29 -0.62 -2.72
CA CYS A 108 5.38 -1.57 -3.33
C CYS A 108 5.91 -3.00 -3.27
N LEU A 109 7.24 -3.17 -3.36
CA LEU A 109 7.81 -4.51 -3.22
C LEU A 109 7.56 -5.07 -1.83
N GLN A 110 7.95 -4.32 -0.80
CA GLN A 110 7.75 -4.78 0.57
C GLN A 110 6.28 -5.03 0.87
N CYS A 111 5.39 -4.25 0.26
CA CYS A 111 3.96 -4.47 0.47
C CYS A 111 3.54 -5.83 -0.08
N SER A 112 3.93 -6.14 -1.32
CA SER A 112 3.57 -7.42 -1.92
C SER A 112 4.23 -8.58 -1.19
N GLN A 113 5.39 -8.35 -0.56
CA GLN A 113 6.01 -9.41 0.23
C GLN A 113 5.15 -9.76 1.44
N GLY A 114 4.64 -8.75 2.15
CA GLY A 114 3.82 -9.02 3.31
C GLY A 114 2.48 -9.63 2.94
N VAL A 115 1.87 -9.15 1.85
CA VAL A 115 0.58 -9.69 1.43
C VAL A 115 0.75 -11.13 0.95
N ALA A 116 1.86 -11.43 0.27
CA ALA A 116 2.11 -12.80 -0.16
C ALA A 116 2.22 -13.73 1.03
N TYR A 117 2.82 -13.26 2.13
CA TYR A 117 2.89 -14.06 3.34
C TYR A 117 1.49 -14.41 3.85
N LEU A 118 0.56 -13.47 3.77
CA LEU A 118 -0.81 -13.74 4.21
C LEU A 118 -1.51 -14.71 3.27
N HIS A 119 -1.31 -14.54 1.95
CA HIS A 119 -1.91 -15.46 1.00
C HIS A 119 -1.34 -16.87 1.17
N SER A 120 -0.02 -16.98 1.30
CA SER A 120 0.64 -18.26 1.53
C SER A 120 0.60 -18.57 3.03
N MET A 121 -0.61 -18.88 3.51
CA MET A 121 -0.84 -19.17 4.92
C MET A 121 -1.72 -20.41 5.02
N GLN A 122 -1.34 -21.31 5.92
CA GLN A 122 -2.11 -22.54 6.15
C GLN A 122 -2.89 -22.42 7.46
N PRO A 123 -4.05 -23.09 7.55
CA PRO A 123 -4.67 -23.90 6.49
C PRO A 123 -5.36 -23.06 5.42
N LYS A 124 -6.04 -21.98 5.81
CA LYS A 124 -6.71 -21.10 4.87
C LYS A 124 -5.85 -19.87 4.59
N ALA A 125 -5.94 -19.38 3.37
CA ALA A 125 -5.20 -18.19 2.96
C ALA A 125 -5.89 -16.95 3.51
N LEU A 126 -5.16 -16.19 4.33
CA LEU A 126 -5.72 -14.98 4.94
C LEU A 126 -5.68 -13.82 3.96
N ILE A 127 -6.84 -13.20 3.74
CA ILE A 127 -6.98 -12.07 2.82
C ILE A 127 -7.01 -10.79 3.64
N HIS A 128 -6.35 -9.74 3.11
CA HIS A 128 -6.30 -8.47 3.83
C HIS A 128 -7.54 -7.62 3.58
N ARG A 129 -8.06 -7.64 2.35
CA ARG A 129 -9.36 -7.05 2.01
C ARG A 129 -9.31 -5.53 1.87
N ASP A 130 -8.70 -4.84 2.83
CA ASP A 130 -8.68 -3.37 2.80
C ASP A 130 -7.26 -2.85 2.69
N LEU A 131 -6.58 -3.16 1.58
CA LEU A 131 -5.23 -2.67 1.35
C LEU A 131 -5.28 -1.23 0.86
N LYS A 132 -4.57 -0.34 1.55
CA LYS A 132 -4.51 1.06 1.15
C LYS A 132 -3.41 1.74 1.95
N PRO A 133 -2.87 2.85 1.45
CA PRO A 133 -1.73 3.50 2.11
C PRO A 133 -2.01 3.86 3.55
N PRO A 134 -3.25 4.23 3.91
CA PRO A 134 -3.54 4.53 5.32
C PRO A 134 -3.27 3.38 6.26
N ASN A 135 -3.21 2.14 5.76
CA ASN A 135 -2.92 0.97 6.59
C ASN A 135 -1.48 0.48 6.42
N LEU A 136 -0.65 1.22 5.69
CA LEU A 136 0.74 0.86 5.48
C LEU A 136 1.60 1.83 6.28
N LEU A 137 2.30 1.31 7.29
CA LEU A 137 3.18 2.12 8.11
C LEU A 137 4.59 2.11 7.53
N LEU A 138 5.39 3.08 7.97
CA LEU A 138 6.77 3.20 7.54
C LEU A 138 7.66 3.39 8.77
N VAL A 139 8.82 2.74 8.75
CA VAL A 139 9.79 2.83 9.83
C VAL A 139 11.18 2.87 9.22
N ALA A 140 12.18 3.10 10.08
CA ALA A 140 13.58 3.18 9.66
C ALA A 140 13.76 4.27 8.60
N GLY A 141 13.36 5.48 8.96
CA GLY A 141 13.52 6.62 8.07
C GLY A 141 12.69 6.52 6.80
N GLY A 142 11.50 5.93 6.88
CA GLY A 142 10.63 5.82 5.73
C GLY A 142 11.07 4.81 4.70
N THR A 143 11.98 3.91 5.05
CA THR A 143 12.50 2.92 4.11
C THR A 143 11.84 1.57 4.23
N VAL A 144 11.51 1.13 5.45
CA VAL A 144 10.87 -0.16 5.68
C VAL A 144 9.37 0.06 5.80
N LEU A 145 8.61 -0.66 4.98
CA LEU A 145 7.15 -0.59 4.99
C LEU A 145 6.57 -1.81 5.69
N LYS A 146 5.52 -1.60 6.46
CA LYS A 146 4.89 -2.68 7.21
C LYS A 146 3.37 -2.58 7.11
N ILE A 147 2.72 -3.72 6.89
CA ILE A 147 1.27 -3.78 6.75
C ILE A 147 0.63 -3.78 8.13
N CYS A 148 -0.52 -3.13 8.25
CA CYS A 148 -1.26 -3.02 9.50
C CYS A 148 -2.71 -3.37 9.24
N ASP A 149 -3.15 -4.52 9.73
CA ASP A 149 -4.54 -4.94 9.53
C ASP A 149 -5.48 -4.16 10.43
N GLY A 165 -14.65 6.03 1.40
CA GLY A 165 -13.34 6.02 2.01
C GLY A 165 -12.35 5.14 1.26
N SER A 166 -12.58 3.83 1.32
CA SER A 166 -11.70 2.86 0.68
C SER A 166 -12.13 2.52 -0.74
N ALA A 167 -13.09 3.25 -1.32
CA ALA A 167 -13.60 2.91 -2.64
C ALA A 167 -12.53 3.04 -3.71
N ALA A 168 -11.57 3.95 -3.52
CA ALA A 168 -10.57 4.18 -4.56
C ALA A 168 -9.68 2.96 -4.77
N TRP A 169 -9.42 2.19 -3.73
CA TRP A 169 -8.53 1.04 -3.80
C TRP A 169 -9.27 -0.29 -3.84
N MET A 170 -10.59 -0.27 -3.93
CA MET A 170 -11.40 -1.47 -3.80
C MET A 170 -11.69 -2.07 -5.17
N ALA A 171 -11.50 -3.39 -5.28
CA ALA A 171 -11.73 -4.07 -6.55
C ALA A 171 -13.22 -4.08 -6.89
N PRO A 172 -13.55 -4.05 -8.18
CA PRO A 172 -14.98 -3.97 -8.55
C PRO A 172 -15.81 -5.16 -8.07
N GLU A 173 -15.25 -6.38 -8.07
CA GLU A 173 -16.03 -7.52 -7.64
C GLU A 173 -16.36 -7.48 -6.16
N VAL A 174 -15.62 -6.69 -5.37
CA VAL A 174 -15.84 -6.66 -3.93
C VAL A 174 -17.12 -5.92 -3.60
N PHE A 175 -17.19 -4.64 -3.97
CA PHE A 175 -18.32 -3.82 -3.55
C PHE A 175 -19.59 -4.10 -4.36
N GLU A 176 -19.52 -4.96 -5.38
CA GLU A 176 -20.75 -5.41 -6.04
C GLU A 176 -21.42 -6.55 -5.28
N GLY A 177 -20.67 -7.26 -4.43
CA GLY A 177 -21.25 -8.31 -3.61
C GLY A 177 -21.04 -9.69 -4.19
N SER A 178 -19.83 -9.95 -4.69
CA SER A 178 -19.49 -11.24 -5.28
C SER A 178 -18.50 -11.97 -4.40
N ASN A 179 -18.35 -13.27 -4.68
CA ASN A 179 -17.41 -14.12 -3.93
C ASN A 179 -16.00 -13.69 -4.28
N TYR A 180 -15.53 -12.65 -3.58
CA TYR A 180 -14.18 -12.14 -3.81
C TYR A 180 -13.14 -13.09 -3.21
N SER A 181 -11.89 -12.85 -3.58
CA SER A 181 -10.80 -13.74 -3.17
C SER A 181 -9.53 -12.91 -3.06
N GLU A 182 -8.41 -13.58 -2.81
CA GLU A 182 -7.13 -12.90 -2.61
C GLU A 182 -6.80 -11.95 -3.76
N LYS A 183 -7.32 -12.22 -4.96
CA LYS A 183 -7.03 -11.38 -6.11
C LYS A 183 -7.59 -9.96 -5.96
N CYS A 184 -8.36 -9.68 -4.91
CA CYS A 184 -8.81 -8.32 -4.68
C CYS A 184 -7.70 -7.47 -4.05
N ASP A 185 -6.77 -8.11 -3.34
CA ASP A 185 -5.60 -7.40 -2.84
C ASP A 185 -4.66 -7.01 -3.97
N VAL A 186 -4.65 -7.79 -5.06
CA VAL A 186 -3.83 -7.45 -6.21
C VAL A 186 -4.33 -6.18 -6.87
N PHE A 187 -5.66 -6.03 -6.97
CA PHE A 187 -6.23 -4.81 -7.50
C PHE A 187 -5.78 -3.61 -6.68
N SER A 188 -5.89 -3.71 -5.35
CA SER A 188 -5.47 -2.61 -4.48
C SER A 188 -4.00 -2.27 -4.71
N TRP A 189 -3.15 -3.29 -4.77
CA TRP A 189 -1.72 -3.06 -5.00
C TRP A 189 -1.49 -2.30 -6.30
N GLY A 190 -2.22 -2.66 -7.36
CA GLY A 190 -2.11 -1.94 -8.61
C GLY A 190 -2.37 -0.46 -8.45
N ILE A 191 -3.43 -0.11 -7.70
CA ILE A 191 -3.75 1.29 -7.47
C ILE A 191 -2.67 1.97 -6.63
N ILE A 192 -2.14 1.26 -5.64
CA ILE A 192 -1.07 1.83 -4.82
C ILE A 192 0.16 2.09 -5.67
N LEU A 193 0.48 1.20 -6.61
CA LEU A 193 1.62 1.39 -7.48
C LEU A 193 1.47 2.69 -8.28
N TRP A 194 0.28 2.93 -8.83
CA TRP A 194 0.02 4.17 -9.54
C TRP A 194 0.10 5.38 -8.61
N GLU A 195 -0.17 5.17 -7.32
CA GLU A 195 -0.28 6.28 -6.38
C GLU A 195 1.09 6.77 -5.92
N VAL A 196 2.03 5.86 -5.70
CA VAL A 196 3.36 6.26 -5.25
C VAL A 196 4.19 6.83 -6.40
N ILE A 197 3.93 6.39 -7.63
CA ILE A 197 4.68 6.89 -8.77
C ILE A 197 4.24 8.31 -9.11
N THR A 198 2.93 8.56 -9.11
CA THR A 198 2.40 9.88 -9.43
C THR A 198 2.30 10.79 -8.21
N ARG A 199 2.28 10.20 -7.01
CA ARG A 199 2.01 10.95 -5.79
C ARG A 199 0.69 11.73 -5.91
N ARG A 200 -0.32 11.07 -6.45
CA ARG A 200 -1.66 11.63 -6.58
C ARG A 200 -2.65 10.73 -5.84
N LYS A 201 -3.63 11.35 -5.21
CA LYS A 201 -4.73 10.60 -4.62
C LYS A 201 -5.54 9.97 -5.75
N PRO A 202 -5.70 8.64 -5.78
CA PRO A 202 -6.46 8.03 -6.87
C PRO A 202 -7.92 8.47 -6.85
N PHE A 203 -8.44 8.79 -8.03
CA PHE A 203 -9.84 9.20 -8.19
C PHE A 203 -10.17 10.41 -7.31
N ASP A 204 -9.24 11.36 -7.25
CA ASP A 204 -9.53 12.64 -6.63
C ASP A 204 -10.26 13.56 -7.60
N GLU A 205 -10.05 13.37 -8.90
CA GLU A 205 -10.80 14.14 -9.90
C GLU A 205 -12.29 13.86 -9.81
N ILE A 206 -12.66 12.60 -9.58
CA ILE A 206 -14.07 12.25 -9.43
C ILE A 206 -14.61 12.84 -8.12
N GLY A 207 -14.03 12.44 -6.99
CA GLY A 207 -14.48 12.94 -5.72
C GLY A 207 -15.89 12.48 -5.38
N GLY A 208 -16.60 13.31 -4.64
CA GLY A 208 -17.96 13.01 -4.25
C GLY A 208 -18.02 11.90 -3.22
N PRO A 209 -19.22 11.35 -2.99
CA PRO A 209 -19.34 10.22 -2.07
C PRO A 209 -18.77 8.94 -2.65
N ALA A 210 -18.75 7.87 -1.84
CA ALA A 210 -18.09 6.64 -2.24
C ALA A 210 -18.75 6.00 -3.45
N PHE A 211 -20.08 6.05 -3.53
CA PHE A 211 -20.79 5.35 -4.60
C PHE A 211 -20.46 5.91 -5.97
N ARG A 212 -19.99 7.16 -6.05
CA ARG A 212 -19.61 7.72 -7.34
C ARG A 212 -18.31 7.12 -7.85
N ILE A 213 -17.38 6.81 -6.95
CA ILE A 213 -16.15 6.12 -7.34
C ILE A 213 -16.47 4.67 -7.70
N MET A 214 -17.27 4.00 -6.87
CA MET A 214 -17.67 2.64 -7.16
C MET A 214 -18.31 2.52 -8.53
N TRP A 215 -19.21 3.44 -8.86
CA TRP A 215 -19.83 3.43 -10.18
C TRP A 215 -18.79 3.53 -11.28
N ALA A 216 -17.80 4.41 -11.11
CA ALA A 216 -16.77 4.57 -12.14
C ALA A 216 -15.93 3.31 -12.29
N VAL A 217 -15.37 2.80 -11.19
CA VAL A 217 -14.53 1.61 -11.25
C VAL A 217 -15.32 0.44 -11.83
N HIS A 218 -16.60 0.33 -11.47
CA HIS A 218 -17.40 -0.79 -11.94
C HIS A 218 -17.62 -0.72 -13.45
N ASN A 219 -17.67 0.48 -14.01
CA ASN A 219 -17.85 0.64 -15.45
C ASN A 219 -16.55 0.48 -16.24
N GLY A 220 -15.41 0.47 -15.56
CA GLY A 220 -14.13 0.26 -16.22
C GLY A 220 -13.15 1.41 -16.08
N THR A 221 -13.53 2.53 -15.47
CA THR A 221 -12.60 3.64 -15.31
C THR A 221 -11.45 3.25 -14.40
N ARG A 222 -10.23 3.58 -14.82
CA ARG A 222 -9.02 3.36 -14.04
C ARG A 222 -8.23 4.65 -13.98
N PRO A 223 -7.26 4.74 -13.09
CA PRO A 223 -6.44 5.95 -13.04
C PRO A 223 -5.76 6.19 -14.37
N PRO A 224 -5.50 7.45 -14.70
CA PRO A 224 -4.89 7.75 -16.01
C PRO A 224 -3.48 7.20 -16.11
N LEU A 225 -3.10 6.86 -17.34
CA LEU A 225 -1.76 6.32 -17.58
C LEU A 225 -0.71 7.39 -17.30
N ILE A 226 0.52 6.93 -17.07
CA ILE A 226 1.62 7.77 -16.60
C ILE A 226 2.55 8.07 -17.76
N LYS A 227 2.94 9.34 -17.88
CA LYS A 227 3.85 9.76 -18.94
C LYS A 227 5.21 9.09 -18.78
N ASN A 228 5.73 8.57 -19.90
CA ASN A 228 7.09 8.00 -19.94
C ASN A 228 7.27 6.89 -18.92
N LEU A 229 6.23 6.14 -18.64
CA LEU A 229 6.32 5.02 -17.71
C LEU A 229 6.94 3.80 -18.40
N PRO A 230 7.87 3.10 -17.75
CA PRO A 230 8.45 1.92 -18.39
C PRO A 230 7.39 0.88 -18.72
N LYS A 231 7.52 0.28 -19.91
CA LYS A 231 6.55 -0.71 -20.35
C LYS A 231 6.44 -1.89 -19.38
N PRO A 232 7.52 -2.43 -18.81
CA PRO A 232 7.35 -3.50 -17.81
C PRO A 232 6.47 -3.07 -16.65
N ILE A 233 6.71 -1.88 -16.10
CA ILE A 233 5.90 -1.40 -14.99
C ILE A 233 4.46 -1.14 -15.43
N GLU A 234 4.29 -0.50 -16.59
CA GLU A 234 2.95 -0.25 -17.10
C GLU A 234 2.18 -1.55 -17.31
N SER A 235 2.87 -2.60 -17.77
CA SER A 235 2.20 -3.87 -18.02
C SER A 235 1.77 -4.53 -16.72
N LEU A 236 2.62 -4.50 -15.70
CA LEU A 236 2.26 -5.10 -14.43
C LEU A 236 1.11 -4.33 -13.78
N MET A 237 1.12 -3.01 -13.91
CA MET A 237 0.07 -2.18 -13.30
C MET A 237 -1.28 -2.49 -13.93
N THR A 238 -1.36 -2.44 -15.26
CA THR A 238 -2.65 -2.65 -15.93
C THR A 238 -3.18 -4.06 -15.70
N ARG A 239 -2.30 -5.06 -15.71
CA ARG A 239 -2.72 -6.42 -15.39
C ARG A 239 -3.32 -6.49 -13.98
N CYS A 240 -2.70 -5.80 -13.03
CA CYS A 240 -3.13 -5.89 -11.64
C CYS A 240 -4.54 -5.36 -11.43
N TRP A 241 -5.02 -4.47 -12.29
CA TRP A 241 -6.35 -3.91 -12.12
C TRP A 241 -7.26 -4.24 -13.31
N SER A 242 -7.09 -5.45 -13.85
CA SER A 242 -8.01 -5.95 -14.86
C SER A 242 -9.39 -6.17 -14.28
N LYS A 243 -10.41 -6.04 -15.13
CA LYS A 243 -11.77 -6.35 -14.72
C LYS A 243 -11.89 -7.80 -14.24
N ASP A 244 -11.43 -8.73 -15.06
CA ASP A 244 -11.48 -10.14 -14.72
C ASP A 244 -10.45 -10.46 -13.66
N PRO A 245 -10.84 -10.91 -12.46
CA PRO A 245 -9.83 -11.20 -11.43
C PRO A 245 -8.84 -12.28 -11.83
N SER A 246 -9.26 -13.24 -12.67
CA SER A 246 -8.39 -14.33 -13.04
C SER A 246 -7.22 -13.85 -13.89
N GLN A 247 -7.39 -12.77 -14.63
CA GLN A 247 -6.31 -12.22 -15.46
C GLN A 247 -5.31 -11.42 -14.65
N ARG A 248 -5.56 -11.15 -13.37
CA ARG A 248 -4.59 -10.45 -12.55
C ARG A 248 -3.52 -11.43 -12.07
N PRO A 249 -2.28 -10.97 -11.94
CA PRO A 249 -1.22 -11.87 -11.44
C PRO A 249 -1.38 -12.16 -9.96
N SER A 250 -0.73 -13.24 -9.54
CA SER A 250 -0.67 -13.59 -8.13
C SER A 250 0.33 -12.68 -7.42
N MET A 251 0.23 -12.66 -6.08
CA MET A 251 1.18 -11.88 -5.30
C MET A 251 2.58 -12.48 -5.38
N GLU A 252 2.69 -13.80 -5.43
CA GLU A 252 3.99 -14.43 -5.63
C GLU A 252 4.63 -13.95 -6.92
N GLU A 253 3.83 -13.84 -8.00
CA GLU A 253 4.35 -13.33 -9.26
C GLU A 253 4.72 -11.85 -9.14
N ILE A 254 3.93 -11.07 -8.41
CA ILE A 254 4.24 -9.65 -8.22
C ILE A 254 5.54 -9.49 -7.45
N VAL A 255 5.72 -10.25 -6.37
CA VAL A 255 6.94 -10.18 -5.59
C VAL A 255 8.15 -10.49 -6.47
N LYS A 256 8.09 -11.60 -7.21
CA LYS A 256 9.22 -12.01 -8.02
C LYS A 256 9.57 -10.96 -9.07
N ILE A 257 8.55 -10.41 -9.73
CA ILE A 257 8.78 -9.39 -10.74
C ILE A 257 9.38 -8.14 -10.10
N MET A 258 8.79 -7.69 -8.99
CA MET A 258 9.29 -6.48 -8.34
C MET A 258 10.69 -6.68 -7.79
N THR A 259 11.03 -7.91 -7.35
CA THR A 259 12.36 -8.18 -6.85
C THR A 259 13.41 -8.04 -7.95
N HIS A 260 13.10 -8.51 -9.16
CA HIS A 260 14.02 -8.40 -10.27
C HIS A 260 14.12 -6.98 -10.80
N LEU A 261 13.09 -6.16 -10.59
CA LEU A 261 13.14 -4.78 -11.05
C LEU A 261 13.98 -3.90 -10.14
N MET A 262 14.10 -4.25 -8.86
CA MET A 262 14.89 -3.44 -7.94
C MET A 262 16.36 -3.37 -8.36
N ARG A 263 16.81 -4.33 -9.16
CA ARG A 263 18.15 -4.25 -9.74
C ARG A 263 18.37 -2.89 -10.41
N TYR A 264 17.32 -2.36 -11.03
CA TYR A 264 17.39 -1.10 -11.76
C TYR A 264 16.85 0.07 -10.95
N PHE A 265 16.70 -0.11 -9.63
CA PHE A 265 16.23 0.97 -8.74
C PHE A 265 17.08 0.95 -7.47
N PRO A 266 18.35 1.31 -7.56
CA PRO A 266 19.18 1.40 -6.37
C PRO A 266 18.85 2.64 -5.55
N GLY A 267 19.23 2.57 -4.28
CA GLY A 267 19.04 3.69 -3.37
C GLY A 267 17.81 3.62 -2.49
N ALA A 268 17.23 2.44 -2.29
CA ALA A 268 16.04 2.31 -1.45
C ALA A 268 16.35 2.35 0.04
N ASP A 269 17.62 2.15 0.42
CA ASP A 269 18.01 2.20 1.82
C ASP A 269 18.17 3.62 2.35
N GLU A 270 18.24 4.60 1.47
CA GLU A 270 18.50 5.97 1.91
C GLU A 270 17.31 6.50 2.70
N PRO A 271 17.50 7.01 3.92
CA PRO A 271 16.37 7.56 4.67
C PRO A 271 15.84 8.82 4.01
N LEU A 272 14.56 9.09 4.28
CA LEU A 272 13.93 10.31 3.78
C LEU A 272 14.30 11.46 4.70
N GLN A 273 14.86 12.53 4.14
CA GLN A 273 15.26 13.67 4.96
C GLN A 273 15.20 15.01 4.23
N TYR A 274 14.99 15.00 2.93
CA TYR A 274 15.04 16.26 2.21
C TYR A 274 13.63 16.81 2.00
N PRO A 275 13.46 18.13 2.09
CA PRO A 275 12.12 18.71 1.93
C PRO A 275 11.66 18.64 0.49
N CYS A 276 10.39 19.00 0.30
CA CYS A 276 9.77 18.96 -1.03
C CYS A 276 8.73 20.07 -1.09
N GLN A 277 9.02 21.13 -1.83
CA GLN A 277 8.00 22.14 -2.11
C GLN A 277 7.12 21.59 -3.23
N HIS A 278 5.81 21.60 -3.00
CA HIS A 278 4.92 20.75 -3.79
C HIS A 278 3.95 21.58 -4.61
N SER A 279 3.96 21.33 -5.92
CA SER A 279 2.98 21.85 -6.86
C SER A 279 2.61 20.71 -7.80
N LEU A 280 1.32 20.46 -7.99
CA LEU A 280 0.87 19.41 -8.88
C LEU A 280 0.19 20.02 -10.10
N PRO A 281 0.52 19.60 -11.32
CA PRO A 281 -0.21 20.07 -12.49
C PRO A 281 -1.32 19.11 -12.86
N PRO A 282 -2.56 19.59 -12.98
CA PRO A 282 -3.65 18.70 -13.44
C PRO A 282 -3.33 18.10 -14.80
N GLY A 283 -3.54 16.79 -14.91
CA GLY A 283 -3.22 16.08 -16.13
C GLY A 283 -4.35 16.08 -17.14
N GLU A 284 -4.23 16.92 -18.17
CA GLU A 284 -5.22 16.98 -19.22
C GLU A 284 -4.98 15.88 -20.25
N ASP A 285 -6.05 15.48 -20.94
CA ASP A 285 -5.97 14.46 -21.99
C ASP A 285 -5.66 13.08 -21.41
N GLY A 286 -6.19 12.80 -20.23
CA GLY A 286 -6.08 11.46 -19.66
C GLY A 286 -4.66 10.95 -19.54
N ARG A 287 -3.73 11.83 -19.15
CA ARG A 287 -2.34 11.43 -18.98
C ARG A 287 -1.71 12.35 -17.94
N VAL A 288 -0.96 11.78 -17.01
CA VAL A 288 -0.39 12.51 -15.89
C VAL A 288 1.13 12.32 -15.90
N GLU A 289 1.83 13.32 -15.38
CA GLU A 289 3.27 13.23 -15.20
C GLU A 289 3.59 12.44 -13.93
N PRO A 290 4.68 11.69 -13.91
CA PRO A 290 5.10 11.03 -12.67
C PRO A 290 5.84 11.99 -11.74
N TYR A 291 5.69 11.73 -10.44
CA TYR A 291 6.49 12.45 -9.46
C TYR A 291 7.92 11.94 -9.47
N VAL A 292 8.12 10.63 -9.34
CA VAL A 292 9.45 10.06 -9.36
C VAL A 292 10.04 10.14 -10.77
N ASP A 293 11.35 9.99 -10.86
CA ASP A 293 12.09 10.11 -12.10
C ASP A 293 12.67 8.75 -12.48
N PHE A 294 12.37 8.28 -13.69
CA PHE A 294 12.85 7.00 -14.18
C PHE A 294 14.11 7.13 -15.03
N ALA A 295 14.71 8.31 -15.08
CA ALA A 295 15.93 8.48 -15.87
C ALA A 295 16.97 7.42 -15.52
N GLU A 296 17.24 7.25 -14.23
CA GLU A 296 18.24 6.28 -13.80
C GLU A 296 17.83 4.85 -14.18
N PHE A 297 16.53 4.59 -14.28
CA PHE A 297 16.07 3.25 -14.65
C PHE A 297 16.43 2.94 -16.10
N TYR A 298 16.01 3.82 -17.02
CA TYR A 298 16.35 3.60 -18.43
C TYR A 298 17.85 3.55 -18.65
N ARG A 299 18.61 4.30 -17.85
CA ARG A 299 20.07 4.26 -17.96
C ARG A 299 20.59 2.87 -17.60
N LEU A 300 20.23 2.36 -16.42
CA LEU A 300 20.68 1.04 -16.01
C LEU A 300 20.11 -0.06 -16.90
N TRP A 301 18.90 0.15 -17.44
CA TRP A 301 18.31 -0.83 -18.34
C TRP A 301 19.08 -0.91 -19.64
N SER A 302 19.59 0.23 -20.13
CA SER A 302 20.36 0.24 -21.36
C SER A 302 21.67 -0.52 -21.23
N VAL A 303 22.28 -0.49 -20.04
CA VAL A 303 23.57 -1.15 -19.84
C VAL A 303 23.42 -2.67 -20.00
N ASP A 304 22.33 -3.24 -19.47
CA ASP A 304 22.14 -4.68 -19.54
C ASP A 304 21.63 -5.11 -20.91
N HIS A 305 20.71 -4.34 -21.50
CA HIS A 305 20.08 -4.71 -22.76
C HIS A 305 20.71 -3.96 -23.95
N GLY A 306 20.60 -2.64 -23.96
CA GLY A 306 21.15 -1.85 -25.05
C GLY A 306 20.26 -1.84 -26.27
C10 6L4 B . -0.85 9.25 12.89
C17 6L4 B . -2.19 5.69 14.36
C20 6L4 B . -3.98 5.28 12.28
C21 6L4 B . -3.29 4.21 12.83
C24 6L4 B . -2.97 0.99 10.64
CL01 6L4 B . -0.43 0.61 14.85
C02 6L4 B . 0.41 2.16 14.59
C03 6L4 B . 1.80 2.22 14.58
N04 6L4 B . 2.40 3.38 14.39
C05 6L4 B . 1.70 4.48 14.20
N06 6L4 B . 2.44 5.73 13.99
C07 6L4 B . 1.79 7.02 13.83
C08 6L4 B . 0.55 7.27 13.31
N09 6L4 B . 0.35 8.57 13.34
N11 6L4 B . 1.46 9.20 13.87
C12 6L4 B . 2.35 8.25 14.17
N13 6L4 B . 0.38 4.47 14.20
C14 6L4 B . -0.30 3.35 14.39
O15 6L4 B . -1.71 3.30 14.41
C16 6L4 B . -2.38 4.42 13.87
C18 6L4 B . -2.88 6.77 13.80
C19 6L4 B . -3.77 6.56 12.76
N22 6L4 B . -3.50 2.87 12.33
C23 6L4 B . -2.75 2.41 11.17
C25 6L4 B . -1.74 0.13 10.94
O26 6L4 B . -1.98 3.13 10.65
#